data_1GY7
#
_entry.id   1GY7
#
_cell.length_a   58.660
_cell.length_b   83.870
_cell.length_c   61.500
_cell.angle_alpha   90.00
_cell.angle_beta   115.86
_cell.angle_gamma   90.00
#
_symmetry.space_group_name_H-M   'P 1 21 1'
#
loop_
_entity.id
_entity.type
_entity.pdbx_description
1 polymer 'NUCLEAR TRANSPORT FACTOR 2'
2 water water
#
_entity_poly.entity_id   1
_entity_poly.type   'polypeptide(L)'
_entity_poly.pdbx_seq_one_letter_code
;MSLDFNTLAQNFTQFYYNQFDTDRSQLGNLYRNESMLTFETSQLQGAKDIVEKLVSLPFQKVQHRITTLDAQPASPYGDV
LVMITGDLLIDEEQNPQRFSQVFHLIPDGNSYYVFNDIFRLNYSA
;
_entity_poly.pdbx_strand_id   A,B,C,D
#
# COMPACT_ATOMS: atom_id res chain seq x y z
N ASP A 4 -13.20 -27.07 16.49
CA ASP A 4 -13.99 -27.27 15.25
C ASP A 4 -13.07 -27.59 14.08
N PHE A 5 -12.79 -26.58 13.25
CA PHE A 5 -11.91 -26.76 12.11
C PHE A 5 -10.52 -27.17 12.56
N ASN A 6 -10.14 -26.75 13.76
CA ASN A 6 -8.82 -27.10 14.30
C ASN A 6 -8.78 -28.59 14.62
N THR A 7 -9.91 -29.13 15.08
CA THR A 7 -9.99 -30.55 15.42
C THR A 7 -9.91 -31.37 14.13
N LEU A 8 -10.69 -30.97 13.14
CA LEU A 8 -10.69 -31.65 11.85
C LEU A 8 -9.29 -31.60 11.23
N ALA A 9 -8.67 -30.42 11.29
CA ALA A 9 -7.34 -30.23 10.75
C ALA A 9 -6.31 -31.01 11.55
N GLN A 10 -6.50 -31.04 12.87
CA GLN A 10 -5.61 -31.76 13.75
C GLN A 10 -5.60 -33.22 13.36
N ASN A 11 -6.78 -33.81 13.25
CA ASN A 11 -6.89 -35.22 12.90
C ASN A 11 -6.27 -35.56 11.55
N PHE A 12 -6.63 -34.82 10.51
CA PHE A 12 -6.07 -35.11 9.19
C PHE A 12 -4.57 -34.87 9.15
N THR A 13 -4.14 -33.72 9.67
CA THR A 13 -2.72 -33.38 9.67
C THR A 13 -1.88 -34.39 10.44
N GLN A 14 -2.36 -34.84 11.59
CA GLN A 14 -1.63 -35.82 12.38
C GLN A 14 -1.52 -37.12 11.60
N PHE A 15 -2.60 -37.51 10.93
CA PHE A 15 -2.63 -38.73 10.13
C PHE A 15 -1.61 -38.59 9.01
N TYR A 16 -1.56 -37.42 8.39
CA TYR A 16 -0.64 -37.17 7.30
C TYR A 16 0.81 -37.29 7.75
N TYR A 17 1.18 -36.58 8.81
CA TYR A 17 2.56 -36.65 9.28
C TYR A 17 2.95 -38.02 9.81
N ASN A 18 2.01 -38.72 10.44
CA ASN A 18 2.30 -40.06 10.93
C ASN A 18 2.67 -40.95 9.76
N GLN A 19 1.94 -40.81 8.66
CA GLN A 19 2.20 -41.62 7.47
C GLN A 19 3.50 -41.19 6.80
N PHE A 20 3.79 -39.89 6.79
CA PHE A 20 5.01 -39.37 6.19
C PHE A 20 6.21 -39.95 6.93
N ASP A 21 6.16 -39.91 8.27
CA ASP A 21 7.24 -40.41 9.09
C ASP A 21 7.36 -41.93 9.08
N THR A 22 6.26 -42.62 8.82
CA THR A 22 6.26 -44.08 8.79
C THR A 22 6.69 -44.62 7.42
N ASP A 23 6.02 -44.16 6.37
CA ASP A 23 6.33 -44.59 5.01
C ASP A 23 5.74 -43.59 4.03
N ARG A 24 6.54 -42.61 3.65
CA ARG A 24 6.08 -41.57 2.74
C ARG A 24 5.70 -42.04 1.33
N SER A 25 6.14 -43.24 0.95
CA SER A 25 5.80 -43.76 -0.38
C SER A 25 4.33 -44.14 -0.47
N GLN A 26 3.64 -44.14 0.67
CA GLN A 26 2.22 -44.50 0.73
C GLN A 26 1.30 -43.30 0.90
N LEU A 27 1.82 -42.10 0.66
CA LEU A 27 1.03 -40.87 0.79
C LEU A 27 0.17 -40.56 -0.42
N GLY A 28 0.34 -41.34 -1.49
CA GLY A 28 -0.40 -41.11 -2.71
C GLY A 28 -1.90 -40.93 -2.61
N ASN A 29 -2.55 -41.75 -1.78
CA ASN A 29 -3.99 -41.67 -1.63
C ASN A 29 -4.51 -40.39 -0.99
N LEU A 30 -3.60 -39.55 -0.52
CA LEU A 30 -4.00 -38.28 0.09
C LEU A 30 -3.91 -37.15 -0.92
N TYR A 31 -3.47 -37.47 -2.14
CA TYR A 31 -3.34 -36.50 -3.22
C TYR A 31 -4.17 -36.94 -4.42
N ARG A 32 -4.39 -36.01 -5.36
CA ARG A 32 -5.16 -36.31 -6.56
C ARG A 32 -4.44 -35.74 -7.78
N ASN A 33 -4.98 -35.98 -8.98
CA ASN A 33 -4.35 -35.49 -10.20
C ASN A 33 -4.12 -33.99 -10.23
N GLU A 34 -5.07 -33.23 -9.68
CA GLU A 34 -5.01 -31.78 -9.66
C GLU A 34 -4.11 -31.20 -8.57
N SER A 35 -3.74 -32.04 -7.60
CA SER A 35 -2.92 -31.59 -6.47
C SER A 35 -1.58 -30.97 -6.84
N MET A 36 -1.19 -29.95 -6.07
CA MET A 36 0.09 -29.29 -6.31
C MET A 36 0.93 -29.25 -5.06
N LEU A 37 2.22 -29.56 -5.23
CA LEU A 37 3.18 -29.52 -4.14
C LEU A 37 4.30 -28.57 -4.47
N THR A 38 4.56 -27.63 -3.57
CA THR A 38 5.69 -26.74 -3.75
C THR A 38 6.59 -27.16 -2.59
N PHE A 39 7.63 -27.92 -2.91
CA PHE A 39 8.54 -28.37 -1.89
C PHE A 39 9.78 -27.50 -2.08
N GLU A 40 9.82 -26.41 -1.32
CA GLU A 40 10.92 -25.46 -1.42
C GLU A 40 10.99 -24.99 -2.87
N THR A 41 12.04 -25.32 -3.62
CA THR A 41 12.12 -24.88 -5.00
C THR A 41 11.56 -25.87 -6.02
N SER A 42 11.08 -27.02 -5.56
CA SER A 42 10.52 -28.03 -6.45
C SER A 42 9.00 -27.88 -6.59
N GLN A 43 8.52 -27.84 -7.82
CA GLN A 43 7.09 -27.71 -8.08
C GLN A 43 6.56 -28.96 -8.80
N LEU A 44 5.64 -29.67 -8.15
CA LEU A 44 5.07 -30.90 -8.71
C LEU A 44 3.55 -30.89 -8.74
N GLN A 45 2.98 -31.65 -9.69
CA GLN A 45 1.54 -31.76 -9.84
C GLN A 45 1.14 -33.22 -9.98
N GLY A 46 0.08 -33.62 -9.29
CA GLY A 46 -0.38 -35.00 -9.37
C GLY A 46 0.25 -35.91 -8.32
N ALA A 47 -0.51 -36.89 -7.85
CA ALA A 47 -0.03 -37.81 -6.84
C ALA A 47 1.28 -38.52 -7.18
N LYS A 48 1.42 -38.96 -8.42
CA LYS A 48 2.63 -39.66 -8.84
C LYS A 48 3.90 -38.83 -8.66
N ASP A 49 3.93 -37.64 -9.25
CA ASP A 49 5.11 -36.77 -9.15
C ASP A 49 5.33 -36.25 -7.73
N ILE A 50 4.23 -35.99 -7.01
CA ILE A 50 4.34 -35.50 -5.64
C ILE A 50 4.99 -36.54 -4.76
N VAL A 51 4.47 -37.77 -4.79
CA VAL A 51 5.04 -38.82 -3.97
C VAL A 51 6.49 -39.11 -4.38
N GLU A 52 6.76 -39.05 -5.68
CA GLU A 52 8.09 -39.29 -6.21
C GLU A 52 9.08 -38.33 -5.55
N LYS A 53 8.69 -37.07 -5.44
CA LYS A 53 9.54 -36.05 -4.83
C LYS A 53 9.78 -36.36 -3.36
N LEU A 54 8.73 -36.69 -2.63
CA LEU A 54 8.88 -36.99 -1.21
C LEU A 54 9.74 -38.23 -0.99
N VAL A 55 9.57 -39.24 -1.83
CA VAL A 55 10.37 -40.45 -1.69
C VAL A 55 11.83 -40.20 -2.03
N SER A 56 12.08 -39.25 -2.94
CA SER A 56 13.45 -38.94 -3.35
C SER A 56 14.27 -38.29 -2.24
N LEU A 57 13.62 -37.81 -1.18
CA LEU A 57 14.35 -37.19 -0.08
C LEU A 57 15.21 -38.31 0.53
N PRO A 58 16.54 -38.17 0.40
CA PRO A 58 17.55 -39.12 0.87
C PRO A 58 17.75 -39.45 2.35
N PHE A 59 16.75 -39.24 3.20
CA PHE A 59 16.95 -39.58 4.60
C PHE A 59 16.43 -40.97 4.91
N GLN A 60 16.94 -41.57 5.98
CA GLN A 60 16.50 -42.90 6.37
C GLN A 60 15.36 -42.80 7.37
N LYS A 61 15.41 -41.81 8.23
CA LYS A 61 14.38 -41.59 9.24
C LYS A 61 14.05 -40.12 9.33
N VAL A 62 12.79 -39.82 9.66
CA VAL A 62 12.36 -38.45 9.79
C VAL A 62 11.22 -38.39 10.81
N GLN A 63 11.20 -37.32 11.60
CA GLN A 63 10.16 -37.14 12.60
C GLN A 63 9.66 -35.70 12.56
N HIS A 64 8.36 -35.54 12.39
CA HIS A 64 7.75 -34.21 12.38
C HIS A 64 7.32 -33.90 13.81
N ARG A 65 7.60 -32.69 14.26
CA ARG A 65 7.18 -32.25 15.59
C ARG A 65 6.46 -30.93 15.42
N ILE A 66 5.13 -30.97 15.51
CA ILE A 66 4.30 -29.78 15.36
C ILE A 66 4.41 -28.85 16.56
N THR A 67 4.63 -27.56 16.31
CA THR A 67 4.70 -26.58 17.39
C THR A 67 3.49 -25.64 17.30
N THR A 68 2.94 -25.47 16.09
CA THR A 68 1.73 -24.66 15.93
C THR A 68 0.87 -25.23 14.81
N LEU A 69 -0.44 -25.14 14.99
CA LEU A 69 -1.39 -25.59 13.99
C LEU A 69 -2.59 -24.65 14.04
N ASP A 70 -2.96 -24.12 12.89
CA ASP A 70 -4.10 -23.21 12.80
C ASP A 70 -4.91 -23.56 11.58
N ALA A 71 -6.22 -23.54 11.72
CA ALA A 71 -7.09 -23.87 10.59
C ALA A 71 -8.25 -22.90 10.49
N GLN A 72 -8.69 -22.68 9.25
CA GLN A 72 -9.83 -21.81 8.97
C GLN A 72 -10.58 -22.39 7.79
N PRO A 73 -11.89 -22.14 7.70
CA PRO A 73 -12.62 -22.67 6.55
C PRO A 73 -12.13 -21.82 5.37
N ALA A 74 -11.79 -22.47 4.26
CA ALA A 74 -11.28 -21.76 3.09
C ALA A 74 -12.37 -21.12 2.24
N SER A 75 -13.61 -21.51 2.50
CA SER A 75 -14.77 -20.98 1.78
C SER A 75 -15.97 -21.53 2.53
N PRO A 76 -17.19 -21.16 2.14
CA PRO A 76 -18.32 -21.71 2.88
C PRO A 76 -18.70 -23.13 2.45
N TYR A 77 -17.91 -23.72 1.57
CA TYR A 77 -18.25 -25.04 1.06
C TYR A 77 -17.47 -26.26 1.54
N GLY A 78 -16.99 -26.22 2.79
CA GLY A 78 -16.32 -27.39 3.33
C GLY A 78 -14.83 -27.56 3.23
N ASP A 79 -14.16 -26.81 2.37
CA ASP A 79 -12.71 -26.95 2.27
C ASP A 79 -12.05 -26.20 3.43
N VAL A 80 -10.87 -26.67 3.81
CA VAL A 80 -10.16 -26.09 4.95
C VAL A 80 -8.72 -25.70 4.66
N LEU A 81 -8.29 -24.60 5.25
CA LEU A 81 -6.92 -24.13 5.09
C LEU A 81 -6.24 -24.42 6.43
N VAL A 82 -5.07 -25.04 6.38
CA VAL A 82 -4.33 -25.36 7.61
C VAL A 82 -2.90 -24.90 7.50
N MET A 83 -2.41 -24.16 8.50
CA MET A 83 -1.02 -23.74 8.49
C MET A 83 -0.33 -24.41 9.65
N ILE A 84 0.85 -24.96 9.39
CA ILE A 84 1.61 -25.67 10.40
C ILE A 84 3.05 -25.15 10.46
N THR A 85 3.61 -25.10 11.67
CA THR A 85 5.02 -24.76 11.82
C THR A 85 5.50 -25.79 12.82
N GLY A 86 6.76 -26.18 12.72
CA GLY A 86 7.26 -27.17 13.65
C GLY A 86 8.71 -27.48 13.42
N ASP A 87 9.15 -28.58 14.03
CA ASP A 87 10.52 -29.04 13.94
C ASP A 87 10.55 -30.32 13.12
N LEU A 88 11.60 -30.47 12.33
CA LEU A 88 11.78 -31.67 11.53
C LEU A 88 13.10 -32.28 11.98
N LEU A 89 13.04 -33.50 12.53
CA LEU A 89 14.24 -34.19 12.98
C LEU A 89 14.64 -35.19 11.89
N ILE A 90 15.77 -34.95 11.26
CA ILE A 90 16.23 -35.81 10.18
C ILE A 90 17.34 -36.77 10.61
N ASP A 91 17.12 -38.05 10.36
CA ASP A 91 18.10 -39.08 10.71
C ASP A 91 18.45 -38.99 12.18
N GLU A 92 19.74 -39.09 12.51
CA GLU A 92 20.18 -39.02 13.90
C GLU A 92 20.58 -37.61 14.31
N GLU A 93 20.20 -36.62 13.51
CA GLU A 93 20.52 -35.23 13.82
C GLU A 93 19.92 -34.82 15.16
N GLN A 94 20.73 -34.23 16.02
CA GLN A 94 20.28 -33.79 17.33
C GLN A 94 19.47 -32.49 17.23
N ASN A 95 19.95 -31.56 16.43
CA ASN A 95 19.28 -30.28 16.25
C ASN A 95 18.27 -30.35 15.10
N PRO A 96 17.00 -30.04 15.40
CA PRO A 96 15.95 -30.09 14.37
C PRO A 96 15.99 -28.90 13.44
N GLN A 97 15.30 -29.04 12.32
CA GLN A 97 15.20 -27.96 11.33
C GLN A 97 13.78 -27.43 11.42
N ARG A 98 13.64 -26.11 11.38
CA ARG A 98 12.31 -25.50 11.44
C ARG A 98 11.62 -25.56 10.08
N PHE A 99 10.33 -25.83 10.08
CA PHE A 99 9.58 -25.89 8.83
C PHE A 99 8.25 -25.16 8.97
N SER A 100 7.69 -24.77 7.84
CA SER A 100 6.39 -24.12 7.77
C SER A 100 5.68 -24.82 6.63
N GLN A 101 4.40 -25.12 6.80
CA GLN A 101 3.67 -25.82 5.76
C GLN A 101 2.22 -25.39 5.76
N VAL A 102 1.63 -25.34 4.57
CA VAL A 102 0.22 -25.00 4.46
C VAL A 102 -0.46 -26.04 3.58
N PHE A 103 -1.65 -26.47 3.99
CA PHE A 103 -2.45 -27.43 3.25
C PHE A 103 -3.82 -26.84 2.97
N HIS A 104 -4.33 -27.07 1.76
CA HIS A 104 -5.68 -26.65 1.41
C HIS A 104 -6.34 -28.01 1.24
N LEU A 105 -7.21 -28.36 2.17
CA LEU A 105 -7.89 -29.65 2.18
C LEU A 105 -9.28 -29.59 1.57
N ILE A 106 -9.59 -30.58 0.73
CA ILE A 106 -10.87 -30.66 0.06
C ILE A 106 -11.62 -31.87 0.63
N PRO A 107 -12.88 -31.68 1.05
CA PRO A 107 -13.64 -32.80 1.61
C PRO A 107 -13.72 -34.00 0.67
N ASP A 108 -13.53 -35.19 1.24
CA ASP A 108 -13.57 -36.42 0.48
C ASP A 108 -14.00 -37.54 1.41
N GLY A 109 -15.25 -37.98 1.24
CA GLY A 109 -15.77 -39.03 2.10
C GLY A 109 -15.85 -38.51 3.51
N ASN A 110 -15.29 -39.27 4.46
CA ASN A 110 -15.30 -38.86 5.86
C ASN A 110 -14.00 -38.15 6.20
N SER A 111 -13.23 -37.81 5.18
CA SER A 111 -11.96 -37.14 5.39
C SER A 111 -11.68 -36.06 4.34
N TYR A 112 -10.43 -35.98 3.90
CA TYR A 112 -10.02 -34.97 2.92
C TYR A 112 -8.90 -35.45 2.03
N TYR A 113 -8.61 -34.67 1.00
CA TYR A 113 -7.46 -34.93 0.15
C TYR A 113 -6.79 -33.57 0.07
N VAL A 114 -5.49 -33.57 -0.22
CA VAL A 114 -4.72 -32.34 -0.30
C VAL A 114 -4.70 -31.73 -1.70
N PHE A 115 -5.22 -30.51 -1.83
CA PHE A 115 -5.24 -29.83 -3.12
C PHE A 115 -3.98 -28.97 -3.24
N ASN A 116 -3.69 -28.19 -2.19
CA ASN A 116 -2.47 -27.37 -2.16
C ASN A 116 -1.60 -27.84 -1.01
N ASP A 117 -0.31 -27.96 -1.28
CA ASP A 117 0.67 -28.35 -0.27
C ASP A 117 1.88 -27.48 -0.55
N ILE A 118 2.17 -26.56 0.36
CA ILE A 118 3.34 -25.67 0.21
C ILE A 118 4.21 -25.92 1.43
N PHE A 119 5.47 -26.29 1.19
CA PHE A 119 6.39 -26.61 2.27
C PHE A 119 7.72 -25.87 2.19
N ARG A 120 8.17 -25.34 3.32
CA ARG A 120 9.44 -24.62 3.37
C ARG A 120 10.19 -24.89 4.65
N LEU A 121 11.50 -25.06 4.54
CA LEU A 121 12.32 -25.21 5.73
C LEU A 121 12.72 -23.76 5.98
N ASN A 122 12.65 -23.32 7.25
CA ASN A 122 12.98 -21.94 7.59
C ASN A 122 14.32 -21.85 8.31
N TYR A 123 15.19 -20.97 7.83
CA TYR A 123 16.51 -20.81 8.43
C TYR A 123 16.70 -19.48 9.13
N SER A 124 17.34 -19.53 10.30
CA SER A 124 17.62 -18.35 11.10
C SER A 124 18.73 -17.51 10.46
N LEU B 3 8.23 -16.41 -10.86
CA LEU B 3 7.23 -17.39 -11.35
C LEU B 3 6.04 -16.64 -11.96
N ASP B 4 4.86 -17.24 -11.86
CA ASP B 4 3.65 -16.63 -12.37
C ASP B 4 2.79 -16.27 -11.17
N PHE B 5 2.39 -17.28 -10.41
CA PHE B 5 1.58 -17.05 -9.23
C PHE B 5 2.42 -16.41 -8.13
N ASN B 6 3.71 -16.72 -8.11
CA ASN B 6 4.59 -16.13 -7.12
C ASN B 6 4.67 -14.64 -7.40
N THR B 7 4.72 -14.28 -8.69
CA THR B 7 4.79 -12.89 -9.08
C THR B 7 3.45 -12.20 -8.80
N LEU B 8 2.35 -12.88 -9.12
CA LEU B 8 1.03 -12.34 -8.89
C LEU B 8 0.81 -12.16 -7.39
N ALA B 9 1.20 -13.17 -6.61
CA ALA B 9 1.05 -13.09 -5.17
C ALA B 9 1.95 -12.01 -4.61
N GLN B 10 3.19 -11.93 -5.12
CA GLN B 10 4.14 -10.93 -4.65
C GLN B 10 3.64 -9.51 -4.89
N ASN B 11 3.05 -9.27 -6.05
CA ASN B 11 2.53 -7.94 -6.35
C ASN B 11 1.62 -7.50 -5.23
N PHE B 12 0.70 -8.39 -4.85
CA PHE B 12 -0.24 -8.07 -3.78
C PHE B 12 0.37 -8.03 -2.38
N THR B 13 1.17 -9.03 -2.03
CA THR B 13 1.76 -9.06 -0.69
C THR B 13 2.62 -7.83 -0.42
N GLN B 14 3.37 -7.39 -1.43
CA GLN B 14 4.21 -6.20 -1.27
C GLN B 14 3.33 -4.99 -0.99
N PHE B 15 2.21 -4.90 -1.71
CA PHE B 15 1.27 -3.81 -1.55
C PHE B 15 0.73 -3.87 -0.12
N TYR B 16 0.31 -5.06 0.29
CA TYR B 16 -0.23 -5.27 1.63
C TYR B 16 0.74 -4.89 2.73
N TYR B 17 1.97 -5.40 2.65
CA TYR B 17 2.96 -5.11 3.67
C TYR B 17 3.39 -3.64 3.64
N ASN B 18 3.36 -3.03 2.47
CA ASN B 18 3.72 -1.62 2.38
C ASN B 18 2.70 -0.79 3.16
N GLN B 19 1.44 -1.17 3.06
CA GLN B 19 0.40 -0.45 3.78
C GLN B 19 0.47 -0.76 5.27
N PHE B 20 0.78 -2.02 5.58
CA PHE B 20 0.88 -2.45 6.98
C PHE B 20 1.99 -1.67 7.67
N ASP B 21 3.12 -1.55 6.98
CA ASP B 21 4.29 -0.86 7.53
C ASP B 21 4.18 0.66 7.62
N THR B 22 3.27 1.26 6.85
CA THR B 22 3.10 2.71 6.90
C THR B 22 1.99 3.10 7.88
N ASP B 23 0.89 2.36 7.86
CA ASP B 23 -0.24 2.61 8.76
C ASP B 23 -1.20 1.44 8.65
N ARG B 24 -1.05 0.47 9.55
CA ARG B 24 -1.90 -0.70 9.53
C ARG B 24 -3.38 -0.42 9.81
N SER B 25 -3.70 0.78 10.28
CA SER B 25 -5.09 1.12 10.57
C SER B 25 -5.86 1.39 9.27
N GLN B 26 -5.14 1.40 8.15
CA GLN B 26 -5.76 1.65 6.85
C GLN B 26 -5.89 0.40 5.98
N LEU B 27 -5.72 -0.77 6.58
CA LEU B 27 -5.80 -2.04 5.84
C LEU B 27 -7.21 -2.58 5.60
N GLY B 28 -8.21 -1.98 6.24
CA GLY B 28 -9.58 -2.45 6.10
C GLY B 28 -10.09 -2.73 4.70
N ASN B 29 -9.67 -1.92 3.75
CA ASN B 29 -10.12 -2.07 2.37
C ASN B 29 -9.66 -3.38 1.73
N LEU B 30 -8.69 -4.05 2.36
CA LEU B 30 -8.17 -5.30 1.82
C LEU B 30 -8.83 -6.54 2.43
N TYR B 31 -9.83 -6.32 3.28
CA TYR B 31 -10.57 -7.40 3.93
C TYR B 31 -12.06 -7.21 3.65
N ARG B 32 -12.87 -8.23 3.95
CA ARG B 32 -14.31 -8.17 3.74
C ARG B 32 -15.05 -8.71 4.97
N ASN B 33 -16.38 -8.62 4.95
CA ASN B 33 -17.18 -9.09 6.08
C ASN B 33 -16.90 -10.52 6.52
N GLU B 34 -16.69 -11.41 5.54
CA GLU B 34 -16.44 -12.82 5.85
C GLU B 34 -14.98 -13.17 6.07
N SER B 35 -14.08 -12.21 5.87
CA SER B 35 -12.65 -12.46 6.04
C SER B 35 -12.34 -12.88 7.47
N MET B 36 -11.37 -13.77 7.62
CA MET B 36 -10.97 -14.27 8.92
C MET B 36 -9.48 -14.11 9.16
N LEU B 37 -9.14 -13.69 10.36
CA LEU B 37 -7.74 -13.54 10.76
C LEU B 37 -7.49 -14.36 12.01
N THR B 38 -6.45 -15.18 11.98
CA THR B 38 -6.05 -15.95 13.16
C THR B 38 -4.64 -15.44 13.41
N PHE B 39 -4.49 -14.66 14.48
CA PHE B 39 -3.22 -14.06 14.84
C PHE B 39 -2.81 -14.64 16.20
N GLU B 40 -1.83 -15.52 16.19
CA GLU B 40 -1.37 -16.17 17.42
C GLU B 40 -2.57 -16.70 18.23
N THR B 41 -3.43 -17.44 17.52
CA THR B 41 -4.65 -18.05 18.07
C THR B 41 -5.84 -17.11 18.24
N SER B 42 -5.59 -15.80 18.26
CA SER B 42 -6.68 -14.84 18.40
C SER B 42 -7.48 -14.87 17.09
N GLN B 43 -8.77 -15.13 17.18
CA GLN B 43 -9.61 -15.20 15.98
C GLN B 43 -10.53 -13.99 15.80
N LEU B 44 -10.44 -13.36 14.64
CA LEU B 44 -11.25 -12.19 14.32
C LEU B 44 -11.93 -12.36 12.96
N GLN B 45 -13.11 -11.77 12.81
CA GLN B 45 -13.86 -11.87 11.55
C GLN B 45 -14.33 -10.48 11.12
N GLY B 46 -14.21 -10.20 9.83
CA GLY B 46 -14.63 -8.91 9.32
C GLY B 46 -13.53 -7.87 9.37
N ALA B 47 -13.54 -6.94 8.42
CA ALA B 47 -12.54 -5.89 8.34
C ALA B 47 -12.37 -5.07 9.62
N LYS B 48 -13.50 -4.66 10.22
CA LYS B 48 -13.44 -3.86 11.44
C LYS B 48 -12.67 -4.53 12.57
N ASP B 49 -13.06 -5.76 12.93
CA ASP B 49 -12.39 -6.47 14.01
C ASP B 49 -10.95 -6.86 13.67
N ILE B 50 -10.72 -7.23 12.42
CA ILE B 50 -9.38 -7.61 11.98
C ILE B 50 -8.43 -6.43 12.10
N VAL B 51 -8.84 -5.27 11.58
CA VAL B 51 -7.99 -4.10 11.65
C VAL B 51 -7.79 -3.66 13.10
N GLU B 52 -8.83 -3.77 13.92
CA GLU B 52 -8.72 -3.40 15.33
C GLU B 52 -7.61 -4.21 15.99
N LYS B 53 -7.53 -5.49 15.64
CA LYS B 53 -6.50 -6.36 16.20
C LYS B 53 -5.11 -5.93 15.76
N LEU B 54 -4.93 -5.70 14.46
CA LEU B 54 -3.63 -5.28 13.96
C LEU B 54 -3.20 -3.95 14.58
N VAL B 55 -4.15 -3.02 14.69
CA VAL B 55 -3.88 -1.71 15.27
C VAL B 55 -3.49 -1.86 16.74
N SER B 56 -4.16 -2.76 17.43
CA SER B 56 -3.90 -3.00 18.86
C SER B 56 -2.50 -3.56 19.11
N LEU B 57 -1.86 -4.12 18.09
CA LEU B 57 -0.53 -4.67 18.26
C LEU B 57 0.37 -3.63 18.91
N PRO B 58 1.02 -4.01 20.02
CA PRO B 58 1.92 -3.15 20.79
C PRO B 58 3.26 -2.75 20.18
N PHE B 59 3.21 -1.83 19.22
CA PHE B 59 4.41 -1.30 18.58
C PHE B 59 4.04 -0.14 17.67
N GLN B 60 4.92 0.85 17.60
CA GLN B 60 4.67 2.03 16.78
C GLN B 60 5.16 1.82 15.36
N LYS B 61 6.45 1.56 15.22
CA LYS B 61 7.05 1.35 13.91
C LYS B 61 7.27 -0.13 13.64
N VAL B 62 7.00 -0.55 12.40
CA VAL B 62 7.18 -1.94 12.03
C VAL B 62 7.54 -2.05 10.56
N GLN B 63 8.40 -2.99 10.25
CA GLN B 63 8.83 -3.22 8.89
C GLN B 63 8.94 -4.72 8.63
N HIS B 64 8.35 -5.17 7.52
CA HIS B 64 8.40 -6.58 7.15
C HIS B 64 9.57 -6.82 6.20
N ARG B 65 10.30 -7.90 6.44
CA ARG B 65 11.41 -8.29 5.58
C ARG B 65 11.05 -9.71 5.16
N ILE B 66 10.77 -9.90 3.88
CA ILE B 66 10.37 -11.21 3.36
C ILE B 66 11.55 -12.13 3.06
N THR B 67 11.49 -13.34 3.61
CA THR B 67 12.54 -14.32 3.41
C THR B 67 12.14 -15.27 2.28
N THR B 68 10.92 -15.81 2.36
CA THR B 68 10.43 -16.71 1.32
C THR B 68 8.97 -16.39 1.05
N LEU B 69 8.57 -16.58 -0.20
CA LEU B 69 7.21 -16.37 -0.61
C LEU B 69 6.92 -17.43 -1.67
N ASP B 70 5.90 -18.24 -1.41
CA ASP B 70 5.51 -19.30 -2.32
C ASP B 70 4.02 -19.26 -2.51
N ALA B 71 3.58 -19.30 -3.77
CA ALA B 71 2.15 -19.26 -4.05
C ALA B 71 1.69 -20.34 -5.01
N GLN B 72 0.41 -20.65 -4.93
CA GLN B 72 -0.22 -21.63 -5.80
C GLN B 72 -1.66 -21.20 -6.03
N PRO B 73 -2.25 -21.63 -7.15
CA PRO B 73 -3.65 -21.26 -7.37
C PRO B 73 -4.42 -22.06 -6.31
N ALA B 74 -5.31 -21.40 -5.57
CA ALA B 74 -6.07 -22.07 -4.51
C ALA B 74 -7.19 -22.95 -5.02
N SER B 75 -7.56 -22.74 -6.27
CA SER B 75 -8.60 -23.52 -6.93
C SER B 75 -8.38 -23.20 -8.40
N PRO B 76 -9.17 -23.82 -9.28
CA PRO B 76 -8.99 -23.54 -10.72
C PRO B 76 -9.60 -22.20 -11.15
N TYR B 77 -10.32 -21.55 -10.24
CA TYR B 77 -11.06 -20.34 -10.59
C TYR B 77 -10.51 -18.93 -10.38
N GLY B 78 -9.28 -18.78 -9.92
CA GLY B 78 -8.74 -17.43 -9.76
C GLY B 78 -8.17 -17.04 -8.43
N ASP B 79 -8.60 -17.70 -7.36
CA ASP B 79 -8.07 -17.37 -6.05
C ASP B 79 -6.66 -17.93 -5.90
N VAL B 80 -5.89 -17.28 -5.03
CA VAL B 80 -4.50 -17.65 -4.82
C VAL B 80 -4.19 -17.94 -3.36
N LEU B 81 -3.30 -18.89 -3.15
CA LEU B 81 -2.86 -19.24 -1.80
C LEU B 81 -1.38 -18.87 -1.74
N VAL B 82 -1.00 -18.14 -0.71
CA VAL B 82 0.41 -17.76 -0.58
C VAL B 82 0.90 -17.92 0.84
N MET B 83 2.08 -18.51 0.97
CA MET B 83 2.68 -18.70 2.29
C MET B 83 3.96 -17.87 2.31
N ILE B 84 4.13 -17.09 3.37
CA ILE B 84 5.28 -16.22 3.53
C ILE B 84 6.01 -16.49 4.84
N THR B 85 7.34 -16.43 4.79
CA THR B 85 8.14 -16.54 6.01
C THR B 85 9.02 -15.31 5.96
N GLY B 86 9.20 -14.65 7.09
CA GLY B 86 10.03 -13.46 7.09
C GLY B 86 10.33 -12.95 8.47
N ASP B 87 10.78 -11.70 8.54
CA ASP B 87 11.12 -11.05 9.78
C ASP B 87 10.30 -9.79 9.99
N LEU B 88 10.06 -9.49 11.26
CA LEU B 88 9.32 -8.29 11.62
C LEU B 88 10.32 -7.45 12.40
N LEU B 89 10.57 -6.23 11.95
CA LEU B 89 11.49 -5.32 12.64
C LEU B 89 10.64 -4.24 13.25
N ILE B 90 10.59 -4.17 14.59
CA ILE B 90 9.77 -3.17 15.24
C ILE B 90 10.58 -2.15 16.02
N ASP B 91 10.01 -0.96 16.18
CA ASP B 91 10.65 0.12 16.92
C ASP B 91 12.09 0.33 16.48
N GLU B 92 12.33 0.30 15.17
CA GLU B 92 13.66 0.51 14.61
C GLU B 92 14.72 -0.37 15.26
N GLU B 93 14.29 -1.49 15.84
CA GLU B 93 15.22 -2.39 16.50
C GLU B 93 15.92 -3.36 15.57
N GLN B 94 17.19 -3.61 15.84
CA GLN B 94 17.99 -4.55 15.08
C GLN B 94 17.92 -5.85 15.87
N ASN B 95 16.74 -6.44 15.87
CA ASN B 95 16.46 -7.69 16.59
C ASN B 95 15.20 -8.23 15.93
N PRO B 96 15.35 -8.97 14.81
CA PRO B 96 14.23 -9.54 14.07
C PRO B 96 13.33 -10.52 14.80
N GLN B 97 12.04 -10.38 14.54
CA GLN B 97 11.00 -11.25 15.11
C GLN B 97 10.49 -12.02 13.91
N ARG B 98 10.87 -13.29 13.79
CA ARG B 98 10.45 -14.09 12.65
C ARG B 98 8.99 -14.50 12.70
N PHE B 99 8.38 -14.65 11.53
CA PHE B 99 6.97 -15.01 11.46
C PHE B 99 6.69 -15.84 10.21
N SER B 100 5.52 -16.47 10.22
CA SER B 100 5.06 -17.26 9.08
C SER B 100 3.63 -16.79 8.88
N GLN B 101 3.23 -16.60 7.63
CA GLN B 101 1.88 -16.13 7.35
C GLN B 101 1.32 -16.76 6.08
N VAL B 102 0.01 -16.99 6.10
CA VAL B 102 -0.66 -17.53 4.92
C VAL B 102 -1.84 -16.63 4.57
N PHE B 103 -1.98 -16.35 3.28
CA PHE B 103 -3.11 -15.55 2.79
C PHE B 103 -3.83 -16.36 1.72
N HIS B 104 -5.16 -16.27 1.71
CA HIS B 104 -5.99 -16.90 0.69
C HIS B 104 -6.56 -15.63 0.05
N LEU B 105 -6.11 -15.32 -1.16
CA LEU B 105 -6.50 -14.11 -1.86
C LEU B 105 -7.61 -14.35 -2.89
N ILE B 106 -8.61 -13.46 -2.88
CA ILE B 106 -9.75 -13.55 -3.78
C ILE B 106 -9.69 -12.38 -4.75
N PRO B 107 -9.79 -12.65 -6.06
CA PRO B 107 -9.73 -11.57 -7.05
C PRO B 107 -10.79 -10.49 -6.87
N ASP B 108 -10.40 -9.25 -7.15
CA ASP B 108 -11.30 -8.11 -7.08
C ASP B 108 -10.72 -7.11 -8.07
N GLY B 109 -11.29 -7.08 -9.27
CA GLY B 109 -10.78 -6.20 -10.29
C GLY B 109 -9.39 -6.70 -10.66
N ASN B 110 -8.42 -5.80 -10.72
CA ASN B 110 -7.06 -6.19 -11.05
C ASN B 110 -6.27 -6.50 -9.78
N SER B 111 -6.95 -6.50 -8.65
CA SER B 111 -6.31 -6.77 -7.37
C SER B 111 -6.99 -7.93 -6.64
N TYR B 112 -6.82 -7.97 -5.32
CA TYR B 112 -7.41 -9.02 -4.49
C TYR B 112 -7.81 -8.48 -3.13
N TYR B 113 -8.51 -9.31 -2.37
CA TYR B 113 -8.83 -8.97 -1.00
C TYR B 113 -8.47 -10.23 -0.25
N VAL B 114 -8.22 -10.12 1.04
CA VAL B 114 -7.82 -11.26 1.87
C VAL B 114 -9.02 -11.94 2.50
N PHE B 115 -9.20 -13.22 2.21
CA PHE B 115 -10.32 -13.98 2.79
C PHE B 115 -9.83 -14.73 4.04
N ASN B 116 -8.67 -15.36 3.92
CA ASN B 116 -8.05 -16.07 5.04
C ASN B 116 -6.69 -15.45 5.31
N ASP B 117 -6.41 -15.21 6.58
CA ASP B 117 -5.15 -14.64 7.00
C ASP B 117 -4.77 -15.40 8.27
N ILE B 118 -3.67 -16.14 8.23
CA ILE B 118 -3.20 -16.88 9.39
C ILE B 118 -1.78 -16.40 9.68
N PHE B 119 -1.55 -15.94 10.91
CA PHE B 119 -0.26 -15.40 11.30
C PHE B 119 0.31 -16.02 12.56
N ARG B 120 1.58 -16.38 12.50
CA ARG B 120 2.26 -16.95 13.64
C ARG B 120 3.66 -16.38 13.79
N LEU B 121 4.08 -16.21 15.04
CA LEU B 121 5.42 -15.77 15.33
C LEU B 121 6.15 -17.10 15.15
N ASN B 122 7.40 -17.06 14.71
CA ASN B 122 8.16 -18.28 14.48
C ASN B 122 9.55 -18.07 15.07
N TYR B 123 9.68 -18.32 16.36
CA TYR B 123 10.95 -18.15 17.07
C TYR B 123 12.18 -18.62 16.31
N SER B 124 13.19 -17.76 16.27
CA SER B 124 14.44 -18.07 15.57
C SER B 124 15.46 -18.64 16.56
N ASN C 6 -10.31 25.05 -17.24
CA ASN C 6 -8.93 25.35 -17.71
C ASN C 6 -8.78 26.83 -18.10
N THR C 7 -9.91 27.51 -18.24
CA THR C 7 -9.89 28.92 -18.61
C THR C 7 -10.38 29.83 -17.48
N LEU C 8 -11.52 29.47 -16.90
CA LEU C 8 -12.10 30.26 -15.82
C LEU C 8 -11.14 30.28 -14.64
N ALA C 9 -10.58 29.11 -14.31
CA ALA C 9 -9.64 28.99 -13.20
C ALA C 9 -8.31 29.62 -13.58
N GLN C 10 -7.94 29.47 -14.85
CA GLN C 10 -6.70 30.03 -15.37
C GLN C 10 -6.70 31.55 -15.20
N ASN C 11 -7.81 32.17 -15.58
CA ASN C 11 -7.93 33.62 -15.47
C ASN C 11 -8.01 34.10 -14.02
N PHE C 12 -8.68 33.31 -13.19
CA PHE C 12 -8.80 33.69 -11.79
C PHE C 12 -7.43 33.65 -11.13
N THR C 13 -6.62 32.66 -11.50
CA THR C 13 -5.29 32.52 -10.94
C THR C 13 -4.41 33.70 -11.34
N GLN C 14 -4.48 34.08 -12.61
CA GLN C 14 -3.69 35.20 -13.10
C GLN C 14 -4.16 36.48 -12.42
N PHE C 15 -5.46 36.60 -12.18
CA PHE C 15 -6.03 37.76 -11.51
C PHE C 15 -5.48 37.86 -10.09
N TYR C 16 -5.43 36.72 -9.41
CA TYR C 16 -4.93 36.67 -8.04
C TYR C 16 -3.49 37.16 -7.95
N TYR C 17 -2.63 36.63 -8.79
CA TYR C 17 -1.22 37.03 -8.78
C TYR C 17 -1.01 38.48 -9.17
N ASN C 18 -1.86 38.99 -10.07
CA ASN C 18 -1.74 40.37 -10.48
C ASN C 18 -2.07 41.26 -9.27
N GLN C 19 -3.09 40.86 -8.50
CA GLN C 19 -3.47 41.64 -7.32
C GLN C 19 -2.39 41.53 -6.25
N PHE C 20 -1.83 40.33 -6.09
CA PHE C 20 -0.78 40.09 -5.11
C PHE C 20 0.41 41.02 -5.42
N ASP C 21 0.82 41.03 -6.68
CA ASP C 21 1.95 41.84 -7.11
C ASP C 21 1.66 43.35 -7.12
N THR C 22 0.40 43.72 -7.21
CA THR C 22 0.01 45.13 -7.23
C THR C 22 -0.17 45.70 -5.82
N ASP C 23 -0.97 45.01 -5.02
CA ASP C 23 -1.24 45.42 -3.64
C ASP C 23 -1.89 44.25 -2.93
N ARG C 24 -1.11 43.50 -2.17
CA ARG C 24 -1.63 42.33 -1.48
C ARG C 24 -2.58 42.63 -0.32
N SER C 25 -2.64 43.89 0.11
CA SER C 25 -3.54 44.24 1.20
C SER C 25 -4.99 44.21 0.70
N GLN C 26 -5.17 44.09 -0.61
CA GLN C 26 -6.50 44.06 -1.20
C GLN C 26 -6.95 42.67 -1.64
N LEU C 27 -6.26 41.64 -1.16
CA LEU C 27 -6.60 40.27 -1.52
C LEU C 27 -7.74 39.69 -0.69
N GLY C 28 -8.13 40.39 0.36
CA GLY C 28 -9.19 39.93 1.24
C GLY C 28 -10.48 39.45 0.61
N ASN C 29 -10.95 40.11 -0.44
CA ASN C 29 -12.20 39.72 -1.06
C ASN C 29 -12.12 38.41 -1.83
N LEU C 30 -10.93 37.82 -1.90
CA LEU C 30 -10.77 36.54 -2.60
C LEU C 30 -10.77 35.39 -1.60
N TYR C 31 -10.86 35.73 -0.32
CA TYR C 31 -10.89 34.75 0.77
C TYR C 31 -12.18 34.91 1.58
N ARG C 32 -12.47 33.92 2.42
CA ARG C 32 -13.67 33.94 3.26
C ARG C 32 -13.34 33.49 4.69
N ASN C 33 -14.31 33.56 5.60
CA ASN C 33 -14.06 33.16 6.99
C ASN C 33 -13.50 31.75 7.14
N GLU C 34 -13.98 30.83 6.30
CA GLU C 34 -13.55 29.43 6.35
C GLU C 34 -12.23 29.15 5.66
N SER C 35 -11.74 30.11 4.87
CA SER C 35 -10.49 29.93 4.13
C SER C 35 -9.29 29.61 5.00
N MET C 36 -8.41 28.77 4.46
CA MET C 36 -7.21 28.36 5.18
C MET C 36 -5.96 28.59 4.33
N LEU C 37 -4.96 29.20 4.95
CA LEU C 37 -3.69 29.45 4.28
C LEU C 37 -2.58 28.78 5.04
N THR C 38 -1.78 27.99 4.33
CA THR C 38 -0.61 27.38 4.94
C THR C 38 0.50 28.05 4.16
N PHE C 39 1.14 29.04 4.79
CA PHE C 39 2.23 29.76 4.13
C PHE C 39 3.49 29.23 4.81
N GLU C 40 4.13 28.26 4.17
CA GLU C 40 5.32 27.65 4.72
C GLU C 40 4.94 27.07 6.09
N THR C 41 5.48 27.60 7.19
CA THR C 41 5.12 27.05 8.49
C THR C 41 4.03 27.84 9.20
N SER C 42 3.49 28.86 8.55
CA SER C 42 2.43 29.68 9.13
C SER C 42 1.08 29.16 8.69
N GLN C 43 0.17 28.96 9.64
CA GLN C 43 -1.17 28.48 9.32
C GLN C 43 -2.18 29.49 9.80
N LEU C 44 -2.95 30.05 8.86
CA LEU C 44 -3.95 31.06 9.19
C LEU C 44 -5.33 30.69 8.65
N GLN C 45 -6.37 31.24 9.27
CA GLN C 45 -7.74 30.99 8.84
C GLN C 45 -8.52 32.29 8.79
N GLY C 46 -9.31 32.47 7.74
CA GLY C 46 -10.11 33.68 7.60
C GLY C 46 -9.37 34.77 6.84
N ALA C 47 -10.13 35.57 6.09
CA ALA C 47 -9.55 36.65 5.28
C ALA C 47 -8.64 37.60 6.05
N LYS C 48 -9.10 38.04 7.22
CA LYS C 48 -8.31 38.97 8.04
C LYS C 48 -6.89 38.48 8.33
N ASP C 49 -6.78 37.31 8.96
CA ASP C 49 -5.46 36.77 9.30
C ASP C 49 -4.65 36.37 8.09
N ILE C 50 -5.31 35.90 7.04
CA ILE C 50 -4.61 35.50 5.82
C ILE C 50 -3.97 36.72 5.17
N VAL C 51 -4.76 37.77 4.97
CA VAL C 51 -4.24 38.99 4.35
C VAL C 51 -3.13 39.61 5.20
N GLU C 52 -3.32 39.61 6.53
CA GLU C 52 -2.31 40.17 7.41
C GLU C 52 -0.98 39.43 7.27
N LYS C 53 -1.03 38.11 7.11
CA LYS C 53 0.20 37.35 6.95
C LYS C 53 0.88 37.76 5.65
N LEU C 54 0.11 37.85 4.56
CA LEU C 54 0.67 38.23 3.28
C LEU C 54 1.22 39.65 3.32
N VAL C 55 0.51 40.55 3.97
CA VAL C 55 0.94 41.94 4.07
C VAL C 55 2.22 42.04 4.91
N SER C 56 2.35 41.15 5.89
CA SER C 56 3.51 41.14 6.79
C SER C 56 4.83 40.78 6.09
N LEU C 57 4.76 40.15 4.93
CA LEU C 57 5.98 39.78 4.22
C LEU C 57 6.73 41.10 3.98
N PRO C 58 7.96 41.20 4.52
CA PRO C 58 8.83 42.38 4.43
C PRO C 58 9.25 42.97 3.08
N PHE C 59 8.95 42.33 1.96
CA PHE C 59 9.36 42.91 0.69
C PHE C 59 8.44 44.07 0.32
N GLN C 60 8.94 44.98 -0.51
CA GLN C 60 8.15 46.13 -0.93
C GLN C 60 7.69 46.01 -2.38
N LYS C 61 8.33 45.10 -3.11
CA LYS C 61 7.99 44.85 -4.50
C LYS C 61 8.17 43.37 -4.77
N VAL C 62 7.28 42.78 -5.56
CA VAL C 62 7.38 41.37 -5.87
C VAL C 62 6.73 41.09 -7.22
N GLN C 63 7.26 40.08 -7.92
CA GLN C 63 6.73 39.69 -9.21
C GLN C 63 6.66 38.18 -9.29
N HIS C 64 5.49 37.66 -9.64
CA HIS C 64 5.32 36.23 -9.78
C HIS C 64 5.60 35.81 -11.22
N ARG C 65 6.41 34.78 -11.38
CA ARG C 65 6.67 34.22 -12.70
C ARG C 65 5.99 32.86 -12.67
N ILE C 66 5.06 32.63 -13.59
CA ILE C 66 4.38 31.33 -13.63
C ILE C 66 5.14 30.40 -14.57
N THR C 67 5.50 29.23 -14.07
CA THR C 67 6.22 28.23 -14.87
C THR C 67 5.21 27.18 -15.33
N THR C 68 4.39 26.69 -14.40
CA THR C 68 3.35 25.72 -14.73
C THR C 68 2.07 26.10 -14.00
N LEU C 69 0.94 25.82 -14.63
CA LEU C 69 -0.37 26.10 -14.04
C LEU C 69 -1.27 25.00 -14.57
N ASP C 70 -1.74 24.14 -13.67
CA ASP C 70 -2.59 23.02 -14.05
C ASP C 70 -3.81 22.94 -13.16
N ALA C 71 -4.98 22.77 -13.78
CA ALA C 71 -6.21 22.69 -13.00
C ALA C 71 -6.99 21.43 -13.36
N GLN C 72 -7.82 21.00 -12.42
CA GLN C 72 -8.69 19.85 -12.58
C GLN C 72 -9.95 20.10 -11.76
N PRO C 73 -11.10 19.58 -12.21
CA PRO C 73 -12.30 19.80 -11.40
C PRO C 73 -12.05 19.02 -10.11
N ALA C 74 -12.35 19.61 -8.97
CA ALA C 74 -12.09 18.97 -7.68
C ALA C 74 -13.20 18.01 -7.26
N SER C 75 -14.33 18.09 -7.93
CA SER C 75 -15.48 17.23 -7.65
C SER C 75 -16.48 17.51 -8.77
N PRO C 76 -17.62 16.82 -8.77
CA PRO C 76 -18.61 17.05 -9.83
C PRO C 76 -19.40 18.33 -9.58
N TYR C 77 -19.13 19.00 -8.46
CA TYR C 77 -19.92 20.18 -8.11
C TYR C 77 -19.41 21.60 -8.33
N GLY C 78 -18.53 21.78 -9.31
CA GLY C 78 -18.07 23.12 -9.64
C GLY C 78 -16.77 23.66 -9.07
N ASP C 79 -16.24 23.02 -8.03
CA ASP C 79 -14.99 23.51 -7.46
C ASP C 79 -13.81 23.04 -8.30
N VAL C 80 -12.71 23.77 -8.19
CA VAL C 80 -11.51 23.49 -8.98
C VAL C 80 -10.25 23.46 -8.13
N LEU C 81 -9.34 22.56 -8.50
CA LEU C 81 -8.05 22.45 -7.82
C LEU C 81 -7.02 22.96 -8.82
N VAL C 82 -6.14 23.85 -8.38
CA VAL C 82 -5.12 24.39 -9.27
C VAL C 82 -3.76 24.31 -8.60
N MET C 83 -2.77 23.77 -9.31
CA MET C 83 -1.42 23.74 -8.78
C MET C 83 -0.58 24.64 -9.67
N ILE C 84 0.22 25.50 -9.05
CA ILE C 84 1.07 26.41 -9.78
C ILE C 84 2.50 26.25 -9.31
N THR C 85 3.45 26.30 -10.23
CA THR C 85 4.86 26.28 -9.85
C THR C 85 5.43 27.47 -10.59
N GLY C 86 6.40 28.14 -10.00
CA GLY C 86 6.97 29.31 -10.64
C GLY C 86 8.09 29.90 -9.81
N ASP C 87 8.38 31.17 -10.07
CA ASP C 87 9.44 31.89 -9.37
C ASP C 87 8.89 33.16 -8.75
N LEU C 88 9.51 33.56 -7.66
CA LEU C 88 9.15 34.79 -6.99
C LEU C 88 10.36 35.69 -7.19
N LEU C 89 10.17 36.86 -7.79
CA LEU C 89 11.25 37.81 -7.97
C LEU C 89 10.97 38.88 -6.93
N ILE C 90 11.83 38.95 -5.91
CA ILE C 90 11.62 39.86 -4.81
C ILE C 90 12.49 41.12 -4.85
N ASP C 91 11.85 42.27 -4.66
CA ASP C 91 12.53 43.56 -4.66
C ASP C 91 13.43 43.70 -5.88
N GLU C 92 14.65 44.18 -5.68
CA GLU C 92 15.58 44.35 -6.79
C GLU C 92 16.42 43.10 -7.02
N GLU C 93 16.25 42.10 -6.16
CA GLU C 93 16.99 40.85 -6.26
C GLU C 93 16.81 40.16 -7.61
N GLN C 94 17.92 39.82 -8.24
CA GLN C 94 17.90 39.15 -9.54
C GLN C 94 17.68 37.65 -9.38
N ASN C 95 18.06 37.12 -8.23
CA ASN C 95 17.93 35.70 -7.94
C ASN C 95 16.50 35.25 -7.69
N PRO C 96 15.90 34.51 -8.64
CA PRO C 96 14.53 34.04 -8.48
C PRO C 96 14.42 32.93 -7.44
N GLN C 97 13.33 32.92 -6.69
CA GLN C 97 13.11 31.89 -5.69
C GLN C 97 11.94 31.04 -6.15
N ARG C 98 12.19 29.75 -6.33
CA ARG C 98 11.14 28.84 -6.79
C ARG C 98 10.04 28.64 -5.75
N PHE C 99 8.80 28.54 -6.22
CA PHE C 99 7.67 28.32 -5.33
C PHE C 99 6.69 27.31 -5.90
N SER C 100 5.86 26.76 -5.02
CA SER C 100 4.82 25.81 -5.39
C SER C 100 3.60 26.26 -4.63
N GLN C 101 2.45 26.25 -5.29
CA GLN C 101 1.23 26.69 -4.63
C GLN C 101 0.03 25.90 -5.13
N VAL C 102 -0.90 25.65 -4.23
CA VAL C 102 -2.12 24.95 -4.57
C VAL C 102 -3.30 25.79 -4.09
N PHE C 103 -4.31 25.92 -4.95
CA PHE C 103 -5.53 26.64 -4.60
C PHE C 103 -6.70 25.69 -4.82
N HIS C 104 -7.66 25.73 -3.90
CA HIS C 104 -8.89 24.95 -4.03
C HIS C 104 -9.90 26.08 -4.16
N LEU C 105 -10.42 26.25 -5.38
CA LEU C 105 -11.35 27.32 -5.70
C LEU C 105 -12.82 26.89 -5.63
N ILE C 106 -13.63 27.72 -4.99
CA ILE C 106 -15.05 27.46 -4.84
C ILE C 106 -15.83 28.47 -5.68
N PRO C 107 -16.80 28.01 -6.48
CA PRO C 107 -17.59 28.92 -7.30
C PRO C 107 -18.30 29.97 -6.46
N ASP C 108 -18.29 31.21 -6.94
CA ASP C 108 -18.91 32.31 -6.25
C ASP C 108 -19.21 33.39 -7.29
N GLY C 109 -20.50 33.62 -7.54
CA GLY C 109 -20.88 34.60 -8.53
C GLY C 109 -20.39 34.12 -9.88
N ASN C 110 -19.72 35.00 -10.61
CA ASN C 110 -19.19 34.65 -11.93
C ASN C 110 -17.69 34.37 -11.83
N SER C 111 -17.24 34.08 -10.61
CA SER C 111 -15.83 33.80 -10.37
C SER C 111 -15.67 32.74 -9.26
N TYR C 112 -14.66 32.93 -8.42
CA TYR C 112 -14.41 32.00 -7.32
C TYR C 112 -13.84 32.72 -6.11
N TYR C 113 -13.67 31.97 -5.03
CA TYR C 113 -13.02 32.47 -3.84
C TYR C 113 -12.11 31.31 -3.45
N VAL C 114 -11.03 31.62 -2.74
CA VAL C 114 -10.06 30.61 -2.34
C VAL C 114 -10.39 29.96 -1.00
N PHE C 115 -10.62 28.66 -1.00
CA PHE C 115 -10.92 27.91 0.22
C PHE C 115 -9.63 27.38 0.83
N ASN C 116 -8.79 26.76 0.01
CA ASN C 116 -7.50 26.22 0.44
C ASN C 116 -6.41 26.95 -0.32
N ASP C 117 -5.35 27.31 0.40
CA ASP C 117 -4.19 27.98 -0.18
C ASP C 117 -2.99 27.40 0.55
N ILE C 118 -2.15 26.66 -0.18
CA ILE C 118 -0.95 26.07 0.40
C ILE C 118 0.21 26.62 -0.42
N PHE C 119 1.19 27.19 0.26
CA PHE C 119 2.33 27.81 -0.41
C PHE C 119 3.67 27.40 0.19
N ARG C 120 4.62 27.07 -0.67
CA ARG C 120 5.96 26.70 -0.22
C ARG C 120 7.00 27.30 -1.14
N LEU C 121 8.06 27.81 -0.53
CA LEU C 121 9.17 28.39 -1.28
C LEU C 121 10.33 27.43 -1.13
N ASN C 122 11.16 27.33 -2.15
CA ASN C 122 12.34 26.48 -2.10
C ASN C 122 13.47 27.49 -2.19
N TYR C 123 13.78 28.11 -1.04
CA TYR C 123 14.81 29.13 -0.94
C TYR C 123 16.25 28.66 -1.12
N SER C 124 17.05 29.49 -1.73
CA SER C 124 18.48 29.18 -1.86
C SER C 124 19.18 30.55 -1.78
N PHE D 5 -2.63 16.05 13.28
CA PHE D 5 -3.23 16.83 12.16
C PHE D 5 -3.14 16.00 10.88
N ASN D 6 -4.10 15.09 10.75
CA ASN D 6 -4.22 14.17 9.64
C ASN D 6 -3.00 13.32 9.41
N THR D 7 -2.63 12.57 10.44
CA THR D 7 -1.52 11.66 10.35
C THR D 7 -1.99 10.64 9.32
N LEU D 8 -3.30 10.46 9.22
CA LEU D 8 -3.87 9.50 8.26
C LEU D 8 -3.50 9.89 6.82
N ALA D 9 -3.70 11.15 6.49
CA ALA D 9 -3.39 11.63 5.13
C ALA D 9 -1.88 11.58 4.91
N GLN D 10 -1.12 11.92 5.94
CA GLN D 10 0.34 11.90 5.88
C GLN D 10 0.80 10.46 5.63
N ASN D 11 0.22 9.51 6.36
CA ASN D 11 0.63 8.12 6.19
C ASN D 11 0.22 7.57 4.83
N PHE D 12 -0.96 7.96 4.35
CA PHE D 12 -1.43 7.51 3.06
C PHE D 12 -0.50 7.98 1.96
N THR D 13 -0.10 9.24 2.05
CA THR D 13 0.80 9.81 1.06
C THR D 13 2.13 9.05 1.09
N GLN D 14 2.58 8.68 2.29
CA GLN D 14 3.83 7.94 2.42
C GLN D 14 3.69 6.55 1.81
N PHE D 15 2.52 5.94 2.00
CA PHE D 15 2.24 4.62 1.44
C PHE D 15 2.29 4.70 -0.08
N TYR D 16 1.64 5.74 -0.61
CA TYR D 16 1.62 5.94 -2.05
C TYR D 16 3.04 5.97 -2.62
N TYR D 17 3.89 6.81 -2.05
CA TYR D 17 5.27 6.91 -2.53
C TYR D 17 6.06 5.62 -2.34
N ASN D 18 5.88 4.95 -1.21
CA ASN D 18 6.59 3.70 -0.99
C ASN D 18 6.20 2.67 -2.03
N GLN D 19 4.90 2.60 -2.34
CA GLN D 19 4.44 1.64 -3.34
C GLN D 19 4.92 2.02 -4.73
N PHE D 20 4.96 3.33 -4.99
CA PHE D 20 5.42 3.84 -6.27
C PHE D 20 6.85 3.34 -6.48
N ASP D 21 7.66 3.43 -5.42
CA ASP D 21 9.06 3.02 -5.48
C ASP D 21 9.22 1.50 -5.54
N THR D 22 8.26 0.77 -4.99
CA THR D 22 8.30 -0.69 -4.99
C THR D 22 7.88 -1.23 -6.35
N ASP D 23 6.66 -0.88 -6.76
CA ASP D 23 6.11 -1.31 -8.04
C ASP D 23 4.93 -0.40 -8.38
N ARG D 24 5.19 0.61 -9.19
CA ARG D 24 4.15 1.56 -9.56
C ARG D 24 3.03 0.94 -10.40
N SER D 25 3.28 -0.24 -10.97
CA SER D 25 2.25 -0.89 -11.77
C SER D 25 1.12 -1.40 -10.88
N GLN D 26 1.32 -1.34 -9.57
CA GLN D 26 0.32 -1.80 -8.61
C GLN D 26 -0.39 -0.68 -7.87
N LEU D 27 -0.35 0.53 -8.41
CA LEU D 27 -1.00 1.67 -7.77
C LEU D 27 -2.49 1.81 -8.11
N GLY D 28 -2.98 0.94 -8.99
CA GLY D 28 -4.37 0.98 -9.41
C GLY D 28 -5.42 1.06 -8.32
N ASN D 29 -5.21 0.33 -7.22
CA ASN D 29 -6.16 0.32 -6.11
C ASN D 29 -6.35 1.68 -5.45
N LEU D 30 -5.42 2.60 -5.68
CA LEU D 30 -5.52 3.92 -5.06
C LEU D 30 -6.26 4.95 -5.89
N TYR D 31 -6.70 4.54 -7.08
CA TYR D 31 -7.43 5.44 -7.97
C TYR D 31 -8.80 4.85 -8.28
N ARG D 32 -9.67 5.68 -8.87
CA ARG D 32 -11.01 5.25 -9.23
C ARG D 32 -11.31 5.68 -10.66
N ASN D 33 -12.46 5.23 -11.20
CA ASN D 33 -12.83 5.57 -12.57
C ASN D 33 -12.83 7.05 -12.89
N GLU D 34 -13.24 7.87 -11.94
CA GLU D 34 -13.31 9.31 -12.15
C GLU D 34 -12.03 10.07 -11.82
N SER D 35 -11.05 9.38 -11.23
CA SER D 35 -9.79 10.02 -10.86
C SER D 35 -9.07 10.61 -12.06
N MET D 36 -8.36 11.71 -11.82
CA MET D 36 -7.63 12.40 -12.87
C MET D 36 -6.18 12.61 -12.52
N LEU D 37 -5.30 12.35 -13.49
CA LEU D 37 -3.88 12.55 -13.30
C LEU D 37 -3.37 13.51 -14.36
N THR D 38 -2.67 14.55 -13.92
CA THR D 38 -2.05 15.48 -14.84
C THR D 38 -0.58 15.26 -14.53
N PHE D 39 0.13 14.63 -15.45
CA PHE D 39 1.55 14.33 -15.28
C PHE D 39 2.27 15.08 -16.39
N GLU D 40 3.01 16.12 -16.01
CA GLU D 40 3.70 16.96 -16.99
C GLU D 40 2.65 17.51 -17.93
N THR D 41 2.76 17.21 -19.23
CA THR D 41 1.79 17.70 -20.20
C THR D 41 0.69 16.67 -20.50
N SER D 42 0.75 15.52 -19.84
CA SER D 42 -0.22 14.45 -20.06
C SER D 42 -1.41 14.52 -19.10
N GLN D 43 -2.60 14.21 -19.62
CA GLN D 43 -3.82 14.20 -18.83
C GLN D 43 -4.50 12.85 -19.01
N LEU D 44 -4.68 12.14 -17.90
CA LEU D 44 -5.32 10.84 -17.96
C LEU D 44 -6.46 10.72 -16.96
N GLN D 45 -7.40 9.82 -17.24
CA GLN D 45 -8.54 9.62 -16.36
C GLN D 45 -8.78 8.12 -16.15
N GLY D 46 -9.09 7.74 -14.91
CA GLY D 46 -9.33 6.34 -14.61
C GLY D 46 -8.07 5.62 -14.19
N ALA D 47 -8.21 4.64 -13.29
CA ALA D 47 -7.06 3.89 -12.81
C ALA D 47 -6.24 3.23 -13.91
N LYS D 48 -6.91 2.60 -14.87
CA LYS D 48 -6.21 1.92 -15.96
C LYS D 48 -5.27 2.85 -16.72
N ASP D 49 -5.81 3.94 -17.24
CA ASP D 49 -4.99 4.91 -17.98
C ASP D 49 -3.94 5.61 -17.12
N ILE D 50 -4.30 5.87 -15.86
CA ILE D 50 -3.37 6.52 -14.94
C ILE D 50 -2.15 5.65 -14.67
N VAL D 51 -2.39 4.40 -14.27
CA VAL D 51 -1.30 3.48 -13.99
C VAL D 51 -0.47 3.23 -15.25
N GLU D 52 -1.13 3.17 -16.40
CA GLU D 52 -0.43 2.96 -17.67
C GLU D 52 0.62 4.05 -17.86
N LYS D 53 0.24 5.29 -17.59
CA LYS D 53 1.15 6.42 -17.73
C LYS D 53 2.33 6.25 -16.79
N LEU D 54 2.04 5.94 -15.52
CA LEU D 54 3.11 5.78 -14.54
C LEU D 54 4.06 4.65 -14.92
N VAL D 55 3.50 3.54 -15.40
CA VAL D 55 4.31 2.40 -15.80
C VAL D 55 5.21 2.74 -17.00
N SER D 56 4.71 3.59 -17.91
CA SER D 56 5.47 3.96 -19.10
C SER D 56 6.70 4.81 -18.80
N LEU D 57 6.79 5.33 -17.58
CA LEU D 57 7.93 6.16 -17.20
C LEU D 57 9.24 5.40 -17.41
N PRO D 58 10.19 6.03 -18.12
CA PRO D 58 11.51 5.47 -18.44
C PRO D 58 12.53 5.33 -17.30
N PHE D 59 12.39 4.28 -16.50
CA PHE D 59 13.32 4.00 -15.42
C PHE D 59 12.99 2.72 -14.68
N GLN D 60 14.04 1.97 -14.33
CA GLN D 60 13.91 0.70 -13.63
C GLN D 60 13.82 0.87 -12.12
N LYS D 61 14.45 1.93 -11.61
CA LYS D 61 14.44 2.19 -10.18
C LYS D 61 14.18 3.65 -9.89
N VAL D 62 13.35 3.91 -8.88
CA VAL D 62 13.03 5.27 -8.50
C VAL D 62 12.84 5.34 -6.99
N GLN D 63 13.22 6.47 -6.41
CA GLN D 63 13.08 6.66 -4.97
C GLN D 63 12.61 8.07 -4.69
N HIS D 64 11.48 8.20 -4.01
CA HIS D 64 10.95 9.50 -3.65
C HIS D 64 11.57 9.98 -2.34
N ARG D 65 11.91 11.25 -2.30
CA ARG D 65 12.46 11.86 -1.09
C ARG D 65 11.65 13.13 -0.88
N ILE D 66 10.84 13.13 0.19
CA ILE D 66 9.98 14.25 0.51
C ILE D 66 10.71 15.39 1.20
N THR D 67 10.51 16.60 0.68
CA THR D 67 11.12 17.79 1.27
C THR D 67 10.06 18.42 2.17
N THR D 68 8.88 18.64 1.63
CA THR D 68 7.77 19.21 2.39
C THR D 68 6.48 18.48 2.07
N LEU D 69 5.62 18.37 3.08
CA LEU D 69 4.32 17.73 2.90
C LEU D 69 3.38 18.52 3.77
N ASP D 70 2.41 19.17 3.12
CA ASP D 70 1.45 19.99 3.83
C ASP D 70 0.04 19.57 3.49
N ALA D 71 -0.77 19.37 4.53
CA ALA D 71 -2.14 18.96 4.32
C ALA D 71 -3.13 19.93 4.92
N GLN D 72 -4.31 20.00 4.31
CA GLN D 72 -5.40 20.84 4.80
C GLN D 72 -6.72 20.13 4.48
N PRO D 73 -7.74 20.34 5.30
CA PRO D 73 -9.03 19.70 5.04
C PRO D 73 -9.52 20.40 3.76
N ALA D 74 -9.92 19.62 2.75
CA ALA D 74 -10.38 20.21 1.49
C ALA D 74 -11.82 20.72 1.61
N SER D 75 -12.46 20.31 2.70
CA SER D 75 -13.82 20.72 3.02
C SER D 75 -14.00 20.25 4.46
N PRO D 76 -15.13 20.58 5.10
CA PRO D 76 -15.29 20.14 6.48
C PRO D 76 -15.74 18.68 6.60
N TYR D 77 -15.97 18.02 5.47
CA TYR D 77 -16.50 16.67 5.48
C TYR D 77 -15.60 15.43 5.45
N GLY D 78 -14.29 15.62 5.29
CA GLY D 78 -13.43 14.45 5.30
C GLY D 78 -12.33 14.37 4.28
N ASP D 79 -12.56 14.95 3.10
CA ASP D 79 -11.55 14.92 2.07
C ASP D 79 -10.38 15.83 2.46
N VAL D 80 -9.21 15.52 1.93
CA VAL D 80 -7.99 16.25 2.27
C VAL D 80 -7.18 16.64 1.07
N LEU D 81 -6.53 17.80 1.17
CA LEU D 81 -5.68 18.29 0.11
C LEU D 81 -4.25 18.15 0.64
N VAL D 82 -3.36 17.58 -0.15
CA VAL D 82 -1.98 17.41 0.28
C VAL D 82 -1.05 17.90 -0.80
N MET D 83 -0.13 18.81 -0.45
CA MET D 83 0.84 19.30 -1.41
C MET D 83 2.21 18.80 -0.98
N ILE D 84 2.98 18.30 -1.94
CA ILE D 84 4.31 17.76 -1.67
C ILE D 84 5.35 18.37 -2.58
N THR D 85 6.54 18.63 -2.04
CA THR D 85 7.66 19.09 -2.86
C THR D 85 8.77 18.14 -2.44
N GLY D 86 9.62 17.78 -3.39
CA GLY D 86 10.71 16.87 -3.06
C GLY D 86 11.48 16.52 -4.30
N ASP D 87 12.18 15.39 -4.27
CA ASP D 87 12.93 14.99 -5.46
C ASP D 87 12.86 13.49 -5.68
N LEU D 88 13.28 13.08 -6.87
CA LEU D 88 13.29 11.68 -7.23
C LEU D 88 14.72 11.26 -7.54
N LEU D 89 15.09 10.08 -7.04
CA LEU D 89 16.40 9.52 -7.31
C LEU D 89 16.08 8.46 -8.34
N ILE D 90 16.41 8.74 -9.60
CA ILE D 90 16.12 7.82 -10.69
C ILE D 90 17.33 6.99 -11.11
N ASP D 91 17.11 5.68 -11.26
CA ASP D 91 18.16 4.77 -11.64
C ASP D 91 19.41 5.04 -10.81
N GLU D 92 20.42 5.63 -11.44
CA GLU D 92 21.67 5.96 -10.75
C GLU D 92 22.29 7.19 -11.40
N GLU D 93 21.45 8.11 -11.88
CA GLU D 93 21.95 9.32 -12.51
C GLU D 93 22.58 10.25 -11.48
N GLN D 94 23.18 11.33 -11.97
CA GLN D 94 23.85 12.29 -11.11
C GLN D 94 22.93 12.91 -10.05
N ASN D 95 22.47 14.12 -10.33
CA ASN D 95 21.60 14.84 -9.41
C ASN D 95 20.14 14.36 -9.39
N PRO D 96 19.41 14.69 -8.31
CA PRO D 96 18.01 14.31 -8.15
C PRO D 96 17.08 15.13 -9.05
N GLN D 97 15.89 14.61 -9.28
CA GLN D 97 14.88 15.27 -10.11
C GLN D 97 13.82 15.90 -9.21
N ARG D 98 13.82 17.22 -9.12
CA ARG D 98 12.87 17.97 -8.30
C ARG D 98 11.45 17.89 -8.84
N PHE D 99 10.47 17.86 -7.94
CA PHE D 99 9.08 17.79 -8.35
C PHE D 99 8.15 18.43 -7.34
N SER D 100 6.93 18.68 -7.79
CA SER D 100 5.88 19.23 -6.95
C SER D 100 4.64 18.38 -7.26
N GLN D 101 3.88 18.06 -6.24
CA GLN D 101 2.69 17.24 -6.47
C GLN D 101 1.58 17.59 -5.52
N VAL D 102 0.35 17.42 -5.98
CA VAL D 102 -0.79 17.65 -5.11
C VAL D 102 -1.79 16.52 -5.29
N PHE D 103 -2.36 16.08 -4.17
CA PHE D 103 -3.36 15.03 -4.15
C PHE D 103 -4.63 15.55 -3.46
N HIS D 104 -5.78 15.16 -3.98
CA HIS D 104 -7.06 15.50 -3.36
C HIS D 104 -7.48 14.09 -2.95
N LEU D 105 -7.43 13.81 -1.65
CA LEU D 105 -7.75 12.49 -1.12
C LEU D 105 -9.18 12.40 -0.63
N ILE D 106 -9.86 11.32 -1.00
CA ILE D 106 -11.24 11.10 -0.60
C ILE D 106 -11.32 9.89 0.31
N PRO D 107 -11.93 10.05 1.48
CA PRO D 107 -12.04 8.90 2.39
C PRO D 107 -12.78 7.71 1.78
N ASP D 108 -12.32 6.51 2.13
CA ASP D 108 -12.92 5.26 1.70
C ASP D 108 -12.65 4.37 2.91
N GLY D 109 -13.67 4.10 3.70
CA GLY D 109 -13.46 3.31 4.90
C GLY D 109 -12.56 4.16 5.76
N ASN D 110 -11.50 3.58 6.31
CA ASN D 110 -10.57 4.35 7.14
C ASN D 110 -9.27 4.61 6.39
N SER D 111 -9.38 4.78 5.08
CA SER D 111 -8.23 5.08 4.24
C SER D 111 -8.72 6.09 3.19
N TYR D 112 -8.02 6.17 2.07
CA TYR D 112 -8.40 7.10 1.01
C TYR D 112 -8.15 6.55 -0.38
N TYR D 113 -8.60 7.30 -1.38
CA TYR D 113 -8.30 7.01 -2.76
C TYR D 113 -8.00 8.39 -3.32
N VAL D 114 -7.22 8.44 -4.39
CA VAL D 114 -6.82 9.69 -5.00
C VAL D 114 -7.81 10.11 -6.08
N PHE D 115 -8.41 11.28 -5.92
CA PHE D 115 -9.37 11.77 -6.92
C PHE D 115 -8.63 12.71 -7.89
N ASN D 116 -7.82 13.61 -7.33
CA ASN D 116 -7.03 14.54 -8.15
C ASN D 116 -5.56 14.30 -7.86
N ASP D 117 -4.77 14.21 -8.93
CA ASP D 117 -3.33 14.00 -8.81
C ASP D 117 -2.68 14.90 -9.86
N ILE D 118 -1.93 15.90 -9.40
CA ILE D 118 -1.24 16.81 -10.32
C ILE D 118 0.24 16.70 -9.97
N PHE D 119 1.05 16.34 -10.97
CA PHE D 119 2.48 16.13 -10.79
C PHE D 119 3.29 16.90 -11.84
N ARG D 120 4.21 17.74 -11.41
CA ARG D 120 5.05 18.48 -12.35
C ARG D 120 6.51 18.38 -11.94
N LEU D 121 7.37 18.17 -12.92
CA LEU D 121 8.80 18.07 -12.66
C LEU D 121 9.40 19.45 -12.87
N ASN D 122 10.46 19.77 -12.12
CA ASN D 122 11.14 21.05 -12.25
C ASN D 122 12.52 20.75 -12.82
N TYR D 123 12.99 21.60 -13.73
CA TYR D 123 14.30 21.37 -14.35
C TYR D 123 15.41 22.30 -13.89
N SER D 124 15.31 22.78 -12.66
CA SER D 124 16.32 23.68 -12.09
C SER D 124 17.46 22.91 -11.44
#